data_3OKK
#
_entry.id   3OKK
#
_cell.length_a   45.628
_cell.length_b   81.441
_cell.length_c   131.577
_cell.angle_alpha   90.00
_cell.angle_beta   90.00
_cell.angle_gamma   90.00
#
_symmetry.space_group_name_H-M   'P 21 21 21'
#
loop_
_entity.id
_entity.type
_entity.pdbx_description
1 polymer 'S25-39 Fab (IgG1k) light chain'
2 polymer 'S25-39 Fab (IgG1k) heavy chain'
3 branched '3-deoxy-alpha-D-manno-oct-2-ulopyranosonic acid-(2-4)-prop-2-en-1-yl 3-deoxy-alpha-D-manno-oct-2-ulopyranosidonic acid'
4 non-polymer 'ZINC ION'
5 water water
#
loop_
_entity_poly.entity_id
_entity_poly.type
_entity_poly.pdbx_seq_one_letter_code
_entity_poly.pdbx_strand_id
1 'polypeptide(L)'
;DIVMTQSPSSLAVSAGEKVTMNCKSSQSLLNSRTRKNYLAWYQQKPGQSPKLLIYWASTRESGVPDRFTGSGSGTDFALT
ISSVQAEDLAVYYCKQSYNLRTFGGGTKLEIKRADAAPTVSIFPPSSEQLTSGGASVVCFLNNFYPKDINVKWKIDGSER
ANGVLNSWTDQDSKDSTYSMTSTLTLTKDEYERHNSYTCEASHKTSTSPIVKSFNRNEC(UNK)
;
A
2 'polypeptide(L)'
;EVKLVESGGGLVQPGGSLRLACATSGFTFTDYYMSWVRQPPGKALEWLGFIRNKAKGYTTEYSASVKGRFTISRDNSQSS
LYLQMNTLRAEDSATYYCARDHDGYYERFAYWGQGTLVTVSAAATTPPSVYPLAPGSAAQTNSMVTLGCLVKGYFPEPVT
VTWNSGSLSTGVHTFPAVLSSDLYTLTSSVTVPSKTWPSETVTCNVAHPASSTKVDKKIVPR
;
B
#
loop_
_chem_comp.id
_chem_comp.type
_chem_comp.name
_chem_comp.formula
KDA D-saccharide 'prop-2-en-1-yl 3-deoxy-alpha-D-manno-oct-2-ulopyranosidonic acid' 'C11 H18 O8'
KDO D-saccharide, alpha linking '3-deoxy-alpha-D-manno-oct-2-ulopyranosonic acid' 'C8 H14 O8'
ZN non-polymer 'ZINC ION' 'Zn 2'
#
# COMPACT_ATOMS: atom_id res chain seq x y z
N ASP A 1 -25.38 -12.13 5.76
CA ASP A 1 -26.41 -11.73 4.82
C ASP A 1 -26.81 -10.26 4.99
N ILE A 2 -25.89 -9.44 5.45
CA ILE A 2 -26.11 -7.99 5.41
C ILE A 2 -25.18 -7.37 4.38
N VAL A 3 -25.78 -6.73 3.38
CA VAL A 3 -25.02 -6.13 2.29
C VAL A 3 -24.69 -4.68 2.62
N MET A 4 -23.41 -4.33 2.51
CA MET A 4 -22.96 -2.99 2.81
C MET A 4 -22.48 -2.32 1.53
N THR A 5 -22.97 -1.12 1.27
CA THR A 5 -22.58 -0.42 0.04
C THR A 5 -22.20 1.01 0.38
N GLN A 6 -21.14 1.48 -0.25
CA GLN A 6 -20.69 2.84 0.00
C GLN A 6 -20.68 3.66 -1.28
N SER A 7 -20.91 4.96 -1.14
CA SER A 7 -20.75 5.88 -2.25
C SER A 7 -20.30 7.22 -1.73
N PRO A 8 -19.57 7.99 -2.56
CA PRO A 8 -19.18 7.53 -3.90
C PRO A 8 -18.09 6.49 -3.80
N SER A 9 -17.71 5.89 -4.94
CA SER A 9 -16.57 4.99 -4.96
C SER A 9 -15.29 5.81 -4.76
N SER A 10 -15.28 7.01 -5.31
CA SER A 10 -14.14 7.90 -5.10
C SER A 10 -14.54 9.35 -5.37
N LEU A 11 -13.74 10.28 -4.85
CA LEU A 11 -13.92 11.71 -5.12
C LEU A 11 -12.66 12.44 -4.68
N ALA A 12 -12.53 13.69 -5.09
CA ALA A 12 -11.40 14.51 -4.67
C ALA A 12 -11.91 15.87 -4.20
N VAL A 13 -11.34 16.35 -3.11
CA VAL A 13 -11.76 17.60 -2.51
C VAL A 13 -10.54 18.43 -2.16
N SER A 14 -10.63 19.75 -2.32
CA SER A 14 -9.53 20.64 -1.98
C SER A 14 -9.39 20.75 -0.48
N ALA A 15 -8.17 21.01 -0.01
CA ALA A 15 -7.93 21.22 1.41
C ALA A 15 -8.85 22.31 1.90
N GLY A 16 -9.42 22.13 3.09
CA GLY A 16 -10.29 23.12 3.69
C GLY A 16 -11.76 22.94 3.36
N GLU A 17 -12.08 22.11 2.36
CA GLU A 17 -13.47 21.92 1.96
C GLU A 17 -14.15 20.78 2.72
N LYS A 18 -15.48 20.78 2.67
CA LYS A 18 -16.28 19.76 3.33
C LYS A 18 -16.40 18.52 2.46
N VAL A 19 -16.50 17.34 3.08
CA VAL A 19 -16.80 16.13 2.33
C VAL A 19 -17.78 15.23 3.07
N THR A 20 -18.69 14.63 2.31
CA THR A 20 -19.64 13.67 2.85
C THR A 20 -19.48 12.34 2.11
N MET A 21 -19.39 11.24 2.84
CA MET A 21 -19.44 9.93 2.21
C MET A 21 -20.49 9.04 2.86
N ASN A 22 -21.14 8.22 2.05
CA ASN A 22 -22.34 7.53 2.49
C ASN A 22 -22.17 6.02 2.61
N CYS A 23 -22.93 5.43 3.54
CA CYS A 23 -22.87 4.00 3.78
C CYS A 23 -24.29 3.46 3.95
N LYS A 24 -24.63 2.45 3.17
CA LYS A 24 -25.96 1.87 3.20
C LYS A 24 -25.90 0.40 3.60
N SER A 25 -26.82 0.00 4.47
CA SER A 25 -26.95 -1.40 4.87
CA SER A 25 -26.93 -1.40 4.86
C SER A 25 -28.24 -1.99 4.33
N SER A 26 -28.22 -3.28 3.99
CA SER A 26 -29.42 -3.93 3.45
C SER A 26 -30.49 -4.15 4.53
N GLN A 27 -30.11 -4.05 5.80
CA GLN A 27 -31.08 -4.10 6.88
C GLN A 27 -30.65 -3.21 8.04
N SER A 28 -31.60 -2.82 8.87
CA SER A 28 -31.33 -1.92 9.98
C SER A 28 -30.20 -2.46 10.86
N LEU A 29 -29.33 -1.56 11.31
CA LEU A 29 -28.24 -1.93 12.20
C LEU A 29 -28.55 -1.45 13.61
N LEU A 30 -29.76 -0.92 13.79
CA LEU A 30 -30.21 -0.44 15.08
C LEU A 30 -30.58 -1.61 15.98
N ASN A 31 -29.76 -1.86 16.99
CA ASN A 31 -30.03 -2.92 17.95
C ASN A 31 -31.08 -2.42 18.92
N SER A 32 -32.30 -2.92 18.79
CA SER A 32 -33.44 -2.45 19.58
C SER A 32 -33.19 -2.56 21.09
N ARG A 33 -32.36 -3.52 21.48
CA ARG A 33 -32.12 -3.80 22.89
C ARG A 33 -31.14 -2.81 23.52
N THR A 34 -30.04 -2.51 22.83
CA THR A 34 -29.06 -1.56 23.35
C THR A 34 -29.27 -0.14 22.82
N ARG A 35 -30.24 0.00 21.91
N ARG A 35 -30.25 0.04 21.92
CA ARG A 35 -30.58 1.31 21.35
CA ARG A 35 -30.56 1.37 21.38
C ARG A 35 -29.38 1.97 20.69
C ARG A 35 -29.41 1.99 20.60
N LYS A 36 -28.54 1.16 20.03
CA LYS A 36 -27.38 1.66 19.32
C LYS A 36 -27.30 1.08 17.93
N ASN A 37 -26.75 1.85 17.00
CA ASN A 37 -26.45 1.36 15.65
C ASN A 37 -25.06 0.73 15.63
N TYR A 38 -24.98 -0.55 15.24
CA TYR A 38 -23.69 -1.24 15.19
C TYR A 38 -23.02 -1.00 13.84
N LEU A 39 -22.47 0.19 13.68
CA LEU A 39 -21.86 0.63 12.44
C LEU A 39 -20.60 1.41 12.81
N ALA A 40 -19.45 0.99 12.27
CA ALA A 40 -18.20 1.69 12.54
C ALA A 40 -17.56 2.18 11.24
N TRP A 41 -16.75 3.23 11.35
CA TRP A 41 -15.97 3.73 10.21
C TRP A 41 -14.47 3.57 10.45
N TYR A 42 -13.76 3.14 9.42
CA TYR A 42 -12.33 2.95 9.51
C TYR A 42 -11.63 3.77 8.44
N GLN A 43 -10.41 4.21 8.74
CA GLN A 43 -9.61 4.98 7.80
C GLN A 43 -8.36 4.18 7.45
N GLN A 44 -8.10 3.98 6.16
CA GLN A 44 -6.89 3.30 5.74
C GLN A 44 -6.05 4.18 4.82
N LYS A 45 -5.00 4.78 5.37
CA LYS A 45 -4.09 5.59 4.58
C LYS A 45 -3.22 4.67 3.72
N PRO A 46 -2.68 5.21 2.61
CA PRO A 46 -1.86 4.40 1.70
C PRO A 46 -0.78 3.62 2.43
N GLY A 47 -0.73 2.31 2.21
CA GLY A 47 0.32 1.47 2.79
C GLY A 47 0.21 1.21 4.27
N GLN A 48 -0.90 1.62 4.88
CA GLN A 48 -1.07 1.45 6.33
C GLN A 48 -2.20 0.47 6.65
N SER A 49 -2.29 0.06 7.91
CA SER A 49 -3.41 -0.73 8.38
C SER A 49 -4.59 0.19 8.61
N PRO A 50 -5.81 -0.36 8.54
CA PRO A 50 -7.01 0.42 8.86
C PRO A 50 -6.95 0.93 10.31
N LYS A 51 -7.49 2.11 10.54
CA LYS A 51 -7.57 2.69 11.89
C LYS A 51 -9.01 3.08 12.21
N LEU A 52 -9.46 2.78 13.43
CA LEU A 52 -10.81 3.12 13.85
C LEU A 52 -11.01 4.64 13.96
N LEU A 53 -12.08 5.16 13.36
CA LEU A 53 -12.42 6.57 13.52
C LEU A 53 -13.67 6.75 14.38
N ILE A 54 -14.72 6.02 14.03
CA ILE A 54 -16.05 6.18 14.65
C ILE A 54 -16.67 4.81 14.91
N TYR A 55 -17.46 4.70 15.97
CA TYR A 55 -18.24 3.48 16.21
C TYR A 55 -19.60 3.80 16.81
N TRP A 56 -20.49 2.81 16.88
CA TRP A 56 -21.88 3.09 17.25
C TRP A 56 -22.44 4.22 16.40
N ALA A 57 -21.98 4.31 15.15
CA ALA A 57 -22.47 5.31 14.20
C ALA A 57 -21.95 6.74 14.39
N SER A 58 -21.88 7.19 15.64
CA SER A 58 -21.57 8.59 15.89
C SER A 58 -20.55 8.86 17.00
N THR A 59 -20.11 7.82 17.69
CA THR A 59 -19.11 8.00 18.74
C THR A 59 -17.69 8.09 18.17
N ARG A 60 -17.05 9.24 18.38
CA ARG A 60 -15.71 9.46 17.85
C ARG A 60 -14.66 8.87 18.77
N GLU A 61 -13.79 8.02 18.22
CA GLU A 61 -12.75 7.40 19.03
C GLU A 61 -11.77 8.45 19.51
N SER A 62 -11.29 8.30 20.74
CA SER A 62 -10.32 9.24 21.30
C SER A 62 -9.10 9.37 20.41
N GLY A 63 -8.63 10.59 20.24
CA GLY A 63 -7.45 10.85 19.44
C GLY A 63 -7.81 11.15 17.99
N VAL A 64 -9.07 10.92 17.62
CA VAL A 64 -9.53 11.21 16.26
C VAL A 64 -9.97 12.67 16.17
N PRO A 65 -9.44 13.41 15.19
CA PRO A 65 -9.73 14.84 15.11
C PRO A 65 -11.23 15.16 15.05
N ASP A 66 -11.61 16.32 15.56
CA ASP A 66 -13.01 16.72 15.63
C ASP A 66 -13.64 16.94 14.25
N ARG A 67 -12.83 17.06 13.22
CA ARG A 67 -13.39 17.33 11.89
C ARG A 67 -14.12 16.11 11.33
N PHE A 68 -13.83 14.94 11.87
CA PHE A 68 -14.54 13.72 11.49
C PHE A 68 -15.82 13.55 12.31
N THR A 69 -16.95 13.40 11.62
CA THR A 69 -18.22 13.18 12.28
C THR A 69 -19.02 12.06 11.62
N GLY A 70 -19.50 11.13 12.43
CA GLY A 70 -20.36 10.06 11.95
C GLY A 70 -21.81 10.35 12.29
N SER A 71 -22.71 10.04 11.36
CA SER A 71 -24.13 10.29 11.58
C SER A 71 -24.98 9.22 10.92
N GLY A 72 -26.28 9.30 11.14
CA GLY A 72 -27.23 8.40 10.49
C GLY A 72 -27.82 7.36 11.42
N SER A 73 -28.71 6.54 10.89
CA SER A 73 -29.37 5.51 11.68
C SER A 73 -30.08 4.51 10.78
N GLY A 74 -30.34 3.33 11.32
CA GLY A 74 -31.04 2.30 10.57
C GLY A 74 -30.24 1.69 9.43
N THR A 75 -30.55 2.11 8.20
CA THR A 75 -29.87 1.58 7.02
C THR A 75 -28.96 2.59 6.35
N ASP A 76 -28.99 3.84 6.82
CA ASP A 76 -28.25 4.91 6.15
C ASP A 76 -27.34 5.68 7.09
N PHE A 77 -26.06 5.73 6.73
CA PHE A 77 -25.06 6.39 7.55
C PHE A 77 -24.15 7.24 6.71
N ALA A 78 -23.49 8.19 7.34
CA ALA A 78 -22.56 9.05 6.62
C ALA A 78 -21.38 9.40 7.50
N LEU A 79 -20.24 9.66 6.87
CA LEU A 79 -19.06 10.19 7.53
C LEU A 79 -18.77 11.54 6.89
N THR A 80 -18.69 12.57 7.71
CA THR A 80 -18.45 13.91 7.20
C THR A 80 -17.13 14.44 7.72
N ILE A 81 -16.32 15.00 6.84
CA ILE A 81 -15.14 15.74 7.26
C ILE A 81 -15.43 17.20 7.02
N SER A 82 -15.42 17.98 8.10
CA SER A 82 -15.83 19.38 8.04
C SER A 82 -14.85 20.25 7.26
N SER A 83 -13.57 19.89 7.33
CA SER A 83 -12.53 20.69 6.70
C SER A 83 -11.33 19.83 6.34
N VAL A 84 -11.38 19.25 5.14
CA VAL A 84 -10.38 18.28 4.71
C VAL A 84 -8.95 18.81 4.80
N GLN A 85 -8.04 17.96 5.27
CA GLN A 85 -6.61 18.28 5.25
C GLN A 85 -5.87 17.29 4.36
N ALA A 86 -4.68 17.67 3.93
CA ALA A 86 -3.89 16.84 3.02
C ALA A 86 -3.70 15.41 3.55
N GLU A 87 -3.60 15.27 4.86
CA GLU A 87 -3.34 13.97 5.48
C GLU A 87 -4.58 13.06 5.48
N ASP A 88 -5.73 13.62 5.10
CA ASP A 88 -6.98 12.87 5.10
C ASP A 88 -7.10 11.94 3.89
N LEU A 89 -6.12 12.00 3.01
CA LEU A 89 -6.05 11.09 1.88
C LEU A 89 -6.13 9.65 2.38
N ALA A 90 -7.13 8.90 1.93
CA ALA A 90 -7.32 7.53 2.40
C ALA A 90 -8.54 6.88 1.78
N VAL A 91 -8.66 5.57 1.97
CA VAL A 91 -9.91 4.86 1.70
C VAL A 91 -10.69 4.74 3.01
N TYR A 92 -11.96 5.11 2.97
CA TYR A 92 -12.80 5.01 4.16
C TYR A 92 -13.78 3.88 4.01
N TYR A 93 -13.85 3.04 5.05
CA TYR A 93 -14.69 1.85 5.05
C TYR A 93 -15.72 1.93 6.18
N CYS A 94 -16.96 1.60 5.91
CA CYS A 94 -17.91 1.39 6.99
C CYS A 94 -18.03 -0.11 7.23
N LYS A 95 -18.51 -0.49 8.42
CA LYS A 95 -18.58 -1.89 8.78
C LYS A 95 -19.69 -2.13 9.81
N GLN A 96 -20.62 -3.02 9.49
CA GLN A 96 -21.68 -3.41 10.43
C GLN A 96 -21.18 -4.54 11.32
N SER A 97 -21.60 -4.54 12.58
CA SER A 97 -21.32 -5.65 13.48
C SER A 97 -22.59 -6.12 14.18
N TYR A 98 -23.72 -5.86 13.54
CA TYR A 98 -25.04 -6.25 14.03
C TYR A 98 -25.21 -7.76 13.95
N ASN A 99 -24.70 -8.35 12.88
CA ASN A 99 -24.73 -9.79 12.67
C ASN A 99 -23.40 -10.25 12.07
N LEU A 100 -22.56 -10.87 12.89
CA LEU A 100 -21.15 -11.07 12.52
C LEU A 100 -20.59 -9.70 12.10
N ARG A 101 -19.74 -9.63 11.08
CA ARG A 101 -19.27 -8.34 10.58
C ARG A 101 -19.18 -8.28 9.07
N THR A 102 -19.38 -7.10 8.49
CA THR A 102 -19.30 -6.92 7.06
C THR A 102 -18.84 -5.51 6.70
N PHE A 103 -17.78 -5.42 5.91
CA PHE A 103 -17.25 -4.14 5.43
C PHE A 103 -17.94 -3.71 4.16
N GLY A 104 -18.19 -2.40 4.03
CA GLY A 104 -18.58 -1.81 2.76
C GLY A 104 -17.40 -1.88 1.80
N GLY A 105 -17.61 -1.49 0.55
CA GLY A 105 -16.59 -1.60 -0.48
C GLY A 105 -15.59 -0.47 -0.48
N GLY A 106 -15.83 0.53 0.36
CA GLY A 106 -14.88 1.61 0.54
C GLY A 106 -15.14 2.86 -0.29
N THR A 107 -14.67 3.99 0.21
CA THR A 107 -14.70 5.24 -0.54
C THR A 107 -13.29 5.80 -0.54
N LYS A 108 -12.73 6.00 -1.74
CA LYS A 108 -11.38 6.56 -1.86
C LYS A 108 -11.45 8.06 -1.90
N LEU A 109 -10.82 8.71 -0.94
CA LEU A 109 -10.78 10.16 -0.88
C LEU A 109 -9.43 10.66 -1.35
N GLU A 110 -9.41 11.40 -2.45
CA GLU A 110 -8.18 12.06 -2.86
C GLU A 110 -8.27 13.57 -2.65
N ILE A 111 -7.12 14.23 -2.71
CA ILE A 111 -7.06 15.66 -2.46
C ILE A 111 -6.79 16.43 -3.74
N LYS A 112 -7.57 17.49 -3.97
CA LYS A 112 -7.34 18.36 -5.10
C LYS A 112 -6.42 19.51 -4.66
N ARG A 113 -5.46 19.85 -5.51
CA ARG A 113 -4.57 20.97 -5.25
C ARG A 113 -4.21 21.69 -6.55
N ALA A 114 -3.45 22.76 -6.44
CA ALA A 114 -2.97 23.48 -7.61
C ALA A 114 -2.12 22.58 -8.50
N ASP A 115 -2.24 22.74 -9.82
CA ASP A 115 -1.37 22.01 -10.75
C ASP A 115 0.10 22.23 -10.39
N ALA A 116 0.91 21.20 -10.57
CA ALA A 116 2.34 21.29 -10.31
C ALA A 116 3.11 20.47 -11.33
N ALA A 117 4.15 21.05 -11.91
CA ALA A 117 4.98 20.37 -12.91
C ALA A 117 5.88 19.31 -12.29
N PRO A 118 6.17 18.24 -13.04
CA PRO A 118 7.00 17.18 -12.46
C PRO A 118 8.47 17.57 -12.48
N THR A 119 9.21 17.07 -11.51
CA THR A 119 10.66 17.16 -11.52
C THR A 119 11.19 15.85 -12.09
N VAL A 120 11.90 15.95 -13.21
CA VAL A 120 12.27 14.76 -13.95
C VAL A 120 13.76 14.43 -13.78
N SER A 121 14.05 13.17 -13.51
CA SER A 121 15.43 12.71 -13.35
C SER A 121 15.63 11.43 -14.15
N ILE A 122 16.73 11.34 -14.89
CA ILE A 122 17.03 10.13 -15.65
C ILE A 122 18.31 9.43 -15.13
N PHE A 123 18.31 8.10 -15.18
CA PHE A 123 19.41 7.31 -14.63
C PHE A 123 19.78 6.19 -15.58
N PRO A 124 21.06 6.14 -15.98
CA PRO A 124 21.54 5.09 -16.88
C PRO A 124 21.65 3.74 -16.16
N PRO A 125 21.81 2.66 -16.93
CA PRO A 125 21.95 1.34 -16.28
C PRO A 125 23.21 1.33 -15.43
N SER A 126 23.22 0.51 -14.38
CA SER A 126 24.40 0.33 -13.55
C SER A 126 25.36 -0.66 -14.21
N SER A 127 26.65 -0.57 -13.91
CA SER A 127 27.61 -1.52 -14.45
C SER A 127 27.31 -2.95 -13.98
N GLU A 128 26.88 -3.11 -12.73
N GLU A 128 26.86 -3.09 -12.74
CA GLU A 128 26.53 -4.45 -12.25
CA GLU A 128 26.53 -4.41 -12.21
C GLU A 128 25.49 -5.06 -13.17
C GLU A 128 25.40 -5.08 -12.98
N GLN A 129 24.46 -4.29 -13.50
CA GLN A 129 23.39 -4.82 -14.33
C GLN A 129 23.88 -5.14 -15.74
N LEU A 130 24.61 -4.21 -16.34
CA LEU A 130 25.15 -4.41 -17.67
C LEU A 130 26.01 -5.66 -17.73
N THR A 131 26.92 -5.78 -16.78
CA THR A 131 27.78 -6.96 -16.70
C THR A 131 26.96 -8.25 -16.73
N SER A 132 25.76 -8.20 -16.18
CA SER A 132 24.90 -9.39 -16.15
C SER A 132 24.11 -9.59 -17.44
N GLY A 133 24.22 -8.64 -18.38
CA GLY A 133 23.60 -8.79 -19.69
C GLY A 133 22.30 -8.04 -19.87
N GLY A 134 21.96 -7.19 -18.90
CA GLY A 134 20.72 -6.43 -18.95
C GLY A 134 20.96 -4.95 -18.90
N ALA A 135 19.96 -4.18 -19.31
CA ALA A 135 20.10 -2.73 -19.33
C ALA A 135 18.78 -2.01 -19.02
N SER A 136 18.64 -1.51 -17.81
CA SER A 136 17.46 -0.75 -17.44
C SER A 136 17.77 0.74 -17.35
N VAL A 137 16.99 1.55 -18.06
CA VAL A 137 17.10 3.00 -17.96
C VAL A 137 15.88 3.51 -17.20
N VAL A 138 16.11 4.34 -16.18
CA VAL A 138 15.03 4.71 -15.28
C VAL A 138 14.82 6.22 -15.26
N CYS A 139 13.55 6.62 -15.33
CA CYS A 139 13.18 8.02 -15.26
CA CYS A 139 13.20 8.01 -15.25
C CYS A 139 12.18 8.22 -14.13
N PHE A 140 12.48 9.16 -13.23
CA PHE A 140 11.56 9.50 -12.16
C PHE A 140 10.88 10.81 -12.54
N LEU A 141 9.57 10.84 -12.40
CA LEU A 141 8.82 12.07 -12.59
C LEU A 141 8.18 12.38 -11.24
N ASN A 142 8.75 13.33 -10.52
CA ASN A 142 8.36 13.50 -9.13
C ASN A 142 7.54 14.73 -8.79
N ASN A 143 6.60 14.54 -7.88
CA ASN A 143 5.82 15.62 -7.28
C ASN A 143 5.04 16.49 -8.26
N PHE A 144 4.17 15.87 -9.05
CA PHE A 144 3.34 16.63 -9.97
C PHE A 144 1.85 16.51 -9.67
N TYR A 145 1.05 17.38 -10.28
CA TYR A 145 -0.41 17.33 -10.19
C TYR A 145 -1.01 18.05 -11.39
N PRO A 146 -2.05 17.46 -12.01
CA PRO A 146 -2.76 16.24 -11.60
C PRO A 146 -2.04 14.96 -12.00
N LYS A 147 -2.65 13.81 -11.72
CA LYS A 147 -1.98 12.53 -11.87
C LYS A 147 -1.70 12.17 -13.33
N ASP A 148 -2.59 12.58 -14.22
CA ASP A 148 -2.45 12.26 -15.63
CA ASP A 148 -2.45 12.26 -15.63
C ASP A 148 -1.17 12.85 -16.21
N ILE A 149 -0.34 12.00 -16.79
CA ILE A 149 0.94 12.42 -17.37
C ILE A 149 1.38 11.43 -18.44
N ASN A 150 2.14 11.92 -19.42
CA ASN A 150 2.64 11.04 -20.47
C ASN A 150 4.16 11.05 -20.55
N VAL A 151 4.73 9.87 -20.72
CA VAL A 151 6.17 9.74 -20.89
C VAL A 151 6.45 9.07 -22.22
N LYS A 152 7.39 9.59 -22.98
CA LYS A 152 7.86 8.88 -24.16
C LYS A 152 9.37 8.74 -24.13
N TRP A 153 9.85 7.56 -24.53
CA TRP A 153 11.27 7.29 -24.57
C TRP A 153 11.81 7.47 -25.98
N LYS A 154 12.98 8.08 -26.10
CA LYS A 154 13.62 8.26 -27.40
C LYS A 154 15.05 7.74 -27.37
N ILE A 155 15.35 6.84 -28.29
CA ILE A 155 16.69 6.29 -28.43
C ILE A 155 17.26 6.77 -29.76
N ASP A 156 18.35 7.52 -29.70
CA ASP A 156 18.92 8.16 -30.89
C ASP A 156 17.86 8.99 -31.61
N GLY A 157 16.97 9.62 -30.86
CA GLY A 157 16.00 10.54 -31.43
C GLY A 157 14.70 9.89 -31.86
N SER A 158 14.66 8.57 -31.88
CA SER A 158 13.47 7.85 -32.33
C SER A 158 12.72 7.29 -31.14
N GLU A 159 11.39 7.33 -31.20
CA GLU A 159 10.59 6.80 -30.10
C GLU A 159 10.69 5.29 -30.01
N ARG A 160 10.62 4.79 -28.78
CA ARG A 160 10.50 3.37 -28.53
C ARG A 160 9.44 3.13 -27.46
N ALA A 161 8.52 2.21 -27.72
CA ALA A 161 7.43 1.95 -26.79
C ALA A 161 7.58 0.59 -26.11
N ASN A 162 8.28 -0.32 -26.78
CA ASN A 162 8.49 -1.66 -26.25
C ASN A 162 9.48 -1.71 -25.08
N GLY A 163 9.12 -2.46 -24.04
CA GLY A 163 10.02 -2.66 -22.90
C GLY A 163 9.90 -1.60 -21.82
N VAL A 164 8.83 -0.83 -21.84
CA VAL A 164 8.64 0.25 -20.88
C VAL A 164 7.57 -0.11 -19.87
N LEU A 165 7.91 -0.07 -18.58
CA LEU A 165 6.90 -0.20 -17.54
C LEU A 165 6.80 1.05 -16.67
N ASN A 166 5.56 1.45 -16.39
CA ASN A 166 5.28 2.65 -15.62
C ASN A 166 4.61 2.31 -14.29
N SER A 167 4.86 3.13 -13.27
CA SER A 167 4.26 2.93 -11.95
C SER A 167 4.07 4.27 -11.26
N TRP A 168 2.82 4.58 -10.88
CA TRP A 168 2.50 5.79 -10.13
C TRP A 168 2.45 5.46 -8.65
N THR A 169 2.91 6.39 -7.81
CA THR A 169 2.67 6.26 -6.38
C THR A 169 1.25 6.68 -6.09
N ASP A 170 0.78 6.38 -4.89
CA ASP A 170 -0.44 7.00 -4.40
C ASP A 170 -0.13 8.46 -4.14
N GLN A 171 -1.16 9.27 -3.97
CA GLN A 171 -0.99 10.68 -3.65
C GLN A 171 -0.17 10.83 -2.37
N ASP A 172 0.62 11.91 -2.31
CA ASP A 172 1.45 12.21 -1.15
C ASP A 172 0.62 12.86 -0.03
N SER A 173 0.77 12.37 1.19
CA SER A 173 -0.06 12.85 2.31
C SER A 173 0.28 14.24 2.81
N LYS A 174 1.41 14.79 2.36
CA LYS A 174 1.83 16.11 2.83
C LYS A 174 1.68 17.22 1.79
N ASP A 175 2.05 16.94 0.54
CA ASP A 175 1.90 17.95 -0.53
C ASP A 175 0.88 17.60 -1.61
N SER A 176 0.20 16.47 -1.44
CA SER A 176 -0.90 16.10 -2.34
C SER A 176 -0.48 15.91 -3.80
N THR A 177 0.81 15.68 -4.05
CA THR A 177 1.28 15.42 -5.41
C THR A 177 1.37 13.92 -5.69
N TYR A 178 1.54 13.60 -6.97
CA TYR A 178 1.80 12.23 -7.41
C TYR A 178 3.21 12.14 -7.94
N SER A 179 3.74 10.94 -8.03
CA SER A 179 5.03 10.73 -8.65
C SER A 179 4.93 9.50 -9.51
N MET A 180 5.81 9.37 -10.48
CA MET A 180 5.78 8.18 -11.29
C MET A 180 7.18 7.76 -11.72
N THR A 181 7.35 6.46 -11.88
CA THR A 181 8.59 5.91 -12.39
C THR A 181 8.34 5.26 -13.74
N SER A 182 9.23 5.50 -14.69
CA SER A 182 9.17 4.84 -15.98
C SER A 182 10.49 4.11 -16.17
N THR A 183 10.42 2.82 -16.47
CA THR A 183 11.64 2.03 -16.65
C THR A 183 11.67 1.36 -18.02
N LEU A 184 12.69 1.69 -18.81
CA LEU A 184 12.90 1.08 -20.11
C LEU A 184 13.97 -0.01 -20.03
N THR A 185 13.59 -1.24 -20.32
CA THR A 185 14.54 -2.34 -20.23
C THR A 185 14.96 -2.87 -21.60
N LEU A 186 16.27 -2.95 -21.82
CA LEU A 186 16.86 -3.42 -23.07
C LEU A 186 17.87 -4.51 -22.75
N THR A 187 18.22 -5.29 -23.77
CA THR A 187 19.39 -6.17 -23.65
C THR A 187 20.63 -5.30 -23.71
N LYS A 188 21.74 -5.79 -23.17
CA LYS A 188 23.00 -5.07 -23.24
C LYS A 188 23.41 -4.87 -24.68
N ASP A 189 23.23 -5.90 -25.50
CA ASP A 189 23.62 -5.83 -26.92
C ASP A 189 22.94 -4.68 -27.62
N GLU A 190 21.63 -4.56 -27.41
CA GLU A 190 20.85 -3.50 -28.05
C GLU A 190 21.20 -2.15 -27.43
N TYR A 191 21.31 -2.12 -26.10
CA TYR A 191 21.71 -0.90 -25.41
C TYR A 191 23.00 -0.32 -25.99
N GLU A 192 23.95 -1.20 -26.31
CA GLU A 192 25.26 -0.75 -26.76
C GLU A 192 25.30 -0.31 -28.22
N ARG A 193 24.17 -0.38 -28.90
CA ARG A 193 24.13 0.01 -30.31
C ARG A 193 23.66 1.44 -30.51
N HIS A 194 23.35 2.12 -29.41
CA HIS A 194 22.82 3.48 -29.52
C HIS A 194 23.46 4.38 -28.49
N ASN A 195 23.35 5.69 -28.69
CA ASN A 195 24.04 6.64 -27.84
C ASN A 195 23.14 7.45 -26.93
N SER A 196 22.15 8.12 -27.51
CA SER A 196 21.29 9.02 -26.75
C SER A 196 20.02 8.34 -26.22
N TYR A 197 19.79 8.50 -24.92
CA TYR A 197 18.63 7.94 -24.27
C TYR A 197 17.86 9.06 -23.61
N THR A 198 16.62 9.24 -24.05
CA THR A 198 15.82 10.39 -23.66
C THR A 198 14.47 10.03 -23.08
N CYS A 199 14.15 10.70 -21.99
CA CYS A 199 12.91 10.52 -21.28
C CYS A 199 12.14 11.84 -21.41
N GLU A 200 10.98 11.80 -22.05
CA GLU A 200 10.20 13.01 -22.30
C GLU A 200 8.86 12.99 -21.58
N ALA A 201 8.65 13.99 -20.73
CA ALA A 201 7.42 14.08 -19.93
C ALA A 201 6.51 15.22 -20.41
N SER A 202 5.28 14.85 -20.75
CA SER A 202 4.27 15.81 -21.17
CA SER A 202 4.27 15.82 -21.17
C SER A 202 3.14 15.86 -20.13
N HIS A 203 2.93 17.03 -19.57
CA HIS A 203 1.98 17.23 -18.48
C HIS A 203 1.24 18.55 -18.77
N LYS A 204 -0.01 18.65 -18.32
CA LYS A 204 -0.82 19.80 -18.66
C LYS A 204 -0.19 21.12 -18.22
N THR A 205 0.74 21.05 -17.26
CA THR A 205 1.40 22.24 -16.74
C THR A 205 2.29 22.96 -17.76
N SER A 206 2.58 22.30 -18.88
CA SER A 206 3.38 22.94 -19.92
C SER A 206 3.05 22.41 -21.32
N THR A 207 3.14 23.28 -22.32
CA THR A 207 2.96 22.86 -23.70
C THR A 207 4.27 22.29 -24.24
N SER A 208 5.36 22.62 -23.56
CA SER A 208 6.67 22.07 -23.90
C SER A 208 6.99 20.91 -22.96
N PRO A 209 7.31 19.75 -23.54
CA PRO A 209 7.64 18.56 -22.75
C PRO A 209 8.90 18.79 -21.91
N ILE A 210 8.94 18.21 -20.72
CA ILE A 210 10.16 18.21 -19.93
C ILE A 210 11.03 17.07 -20.41
N VAL A 211 12.26 17.39 -20.77
CA VAL A 211 13.17 16.43 -21.39
C VAL A 211 14.41 16.21 -20.53
N LYS A 212 14.67 14.95 -20.21
CA LYS A 212 15.94 14.57 -19.60
C LYS A 212 16.61 13.51 -20.45
N SER A 213 17.91 13.65 -20.64
CA SER A 213 18.64 12.81 -21.56
C SER A 213 20.03 12.54 -21.03
N PHE A 214 20.63 11.43 -21.47
CA PHE A 214 22.04 11.17 -21.25
C PHE A 214 22.59 10.48 -22.49
N ASN A 215 23.88 10.69 -22.74
CA ASN A 215 24.58 10.04 -23.85
C ASN A 215 25.54 8.98 -23.32
N ARG A 216 25.47 7.79 -23.91
CA ARG A 216 26.30 6.69 -23.44
C ARG A 216 27.79 7.03 -23.51
N ASN A 217 28.19 7.74 -24.56
CA ASN A 217 29.60 8.11 -24.75
C ASN A 217 30.14 9.01 -23.64
N GLU A 218 29.23 9.71 -22.97
CA GLU A 218 29.61 10.63 -21.91
C GLU A 218 29.65 9.90 -20.59
N CYS A 219 29.60 8.58 -20.69
CA CYS A 219 29.73 7.66 -19.55
C CYS A 219 28.37 7.49 -18.88
N UNK A 220 27.37 7.11 -19.68
CA UNK A 220 26.02 7.10 -19.20
C UNK A 220 25.64 8.50 -18.73
N GLU B 1 1.46 -0.68 26.00
CA GLU B 1 0.60 -0.35 24.87
C GLU B 1 0.11 -1.61 24.17
N VAL B 2 -1.01 -1.48 23.46
CA VAL B 2 -1.56 -2.61 22.72
C VAL B 2 -0.69 -2.93 21.51
N LYS B 3 -0.37 -4.20 21.35
CA LYS B 3 0.42 -4.66 20.20
C LYS B 3 -0.21 -5.89 19.56
N LEU B 4 -0.33 -5.87 18.24
CA LEU B 4 -0.80 -7.01 17.46
C LEU B 4 0.17 -7.22 16.30
N VAL B 5 0.68 -8.44 16.14
CA VAL B 5 1.65 -8.69 15.09
C VAL B 5 1.36 -10.00 14.36
N GLU B 6 1.02 -9.92 13.07
CA GLU B 6 0.77 -11.10 12.26
C GLU B 6 2.08 -11.68 11.72
N SER B 7 2.10 -13.00 11.51
CA SER B 7 3.24 -13.66 10.86
C SER B 7 2.77 -14.92 10.14
N GLY B 8 3.64 -15.48 9.32
CA GLY B 8 3.34 -16.73 8.63
C GLY B 8 3.00 -16.55 7.16
N GLY B 9 2.88 -15.30 6.73
CA GLY B 9 2.56 -14.98 5.35
C GLY B 9 3.71 -15.29 4.40
N GLY B 10 3.39 -15.44 3.12
CA GLY B 10 4.39 -15.75 2.12
C GLY B 10 3.77 -16.49 0.96
N LEU B 11 4.61 -17.24 0.23
CA LEU B 11 4.17 -17.95 -0.95
C LEU B 11 3.67 -19.34 -0.61
N VAL B 12 2.55 -19.71 -1.22
CA VAL B 12 1.99 -21.06 -1.06
C VAL B 12 1.36 -21.48 -2.38
N GLN B 13 1.52 -22.76 -2.70
CA GLN B 13 1.01 -23.29 -3.96
C GLN B 13 -0.52 -23.36 -3.96
N PRO B 14 -1.13 -23.20 -5.15
CA PRO B 14 -2.58 -23.40 -5.23
C PRO B 14 -2.92 -24.80 -4.72
N GLY B 15 -3.91 -24.91 -3.85
CA GLY B 15 -4.32 -26.18 -3.31
C GLY B 15 -3.66 -26.51 -1.98
N GLY B 16 -2.66 -25.73 -1.60
CA GLY B 16 -1.92 -26.00 -0.37
C GLY B 16 -2.55 -25.37 0.86
N SER B 17 -1.87 -25.51 2.00
CA SER B 17 -2.34 -24.96 3.27
C SER B 17 -1.32 -24.00 3.87
N LEU B 18 -1.78 -23.14 4.77
CA LEU B 18 -0.91 -22.18 5.41
C LEU B 18 -1.58 -21.76 6.70
N ARG B 19 -0.79 -21.60 7.75
CA ARG B 19 -1.31 -21.10 9.01
C ARG B 19 -0.66 -19.77 9.41
N LEU B 20 -1.49 -18.78 9.69
CA LEU B 20 -1.00 -17.50 10.14
C LEU B 20 -1.10 -17.42 11.65
N ALA B 21 -0.26 -16.59 12.25
CA ALA B 21 -0.28 -16.38 13.69
C ALA B 21 -0.39 -14.88 13.97
N CYS B 22 -0.98 -14.56 15.11
CA CYS B 22 -1.14 -13.17 15.54
C CYS B 22 -0.77 -13.07 17.02
N ALA B 23 0.38 -12.46 17.30
CA ALA B 23 0.84 -12.34 18.68
C ALA B 23 0.42 -10.99 19.25
N THR B 24 -0.15 -11.01 20.46
CA THR B 24 -0.66 -9.79 21.06
C THR B 24 -0.07 -9.55 22.44
N SER B 25 -0.21 -8.32 22.91
CA SER B 25 0.24 -7.94 24.25
C SER B 25 -0.35 -6.59 24.60
N GLY B 26 -0.36 -6.25 25.88
CA GLY B 26 -0.77 -4.92 26.30
C GLY B 26 -2.24 -4.80 26.63
N PHE B 27 -2.91 -5.94 26.76
CA PHE B 27 -4.32 -5.97 27.13
C PHE B 27 -4.72 -7.37 27.57
N THR B 28 -5.78 -7.47 28.35
CA THR B 28 -6.25 -8.77 28.83
C THR B 28 -6.86 -9.59 27.70
N PHE B 29 -6.03 -10.42 27.08
CA PHE B 29 -6.40 -11.19 25.88
C PHE B 29 -7.74 -11.92 25.98
N THR B 30 -7.93 -12.64 27.07
CA THR B 30 -9.12 -13.48 27.22
C THR B 30 -10.43 -12.68 27.29
N ASP B 31 -10.32 -11.38 27.58
CA ASP B 31 -11.49 -10.50 27.61
C ASP B 31 -12.05 -10.21 26.22
N TYR B 32 -11.23 -10.41 25.18
CA TYR B 32 -11.58 -9.92 23.84
C TYR B 32 -11.87 -11.00 22.79
N TYR B 33 -12.95 -10.79 22.04
CA TYR B 33 -13.14 -11.46 20.75
C TYR B 33 -11.97 -11.03 19.88
N MET B 34 -11.57 -11.89 18.95
CA MET B 34 -10.55 -11.52 17.99
C MET B 34 -11.00 -11.89 16.58
N SER B 35 -10.78 -10.99 15.62
CA SER B 35 -11.19 -11.19 14.23
C SER B 35 -10.00 -11.30 13.28
N TRP B 36 -10.23 -11.99 12.17
CA TRP B 36 -9.31 -11.95 11.02
C TRP B 36 -9.99 -11.25 9.86
N VAL B 37 -9.25 -10.37 9.18
CA VAL B 37 -9.77 -9.61 8.06
C VAL B 37 -8.72 -9.72 6.97
N ARG B 38 -9.15 -9.76 5.71
CA ARG B 38 -8.16 -9.78 4.63
C ARG B 38 -8.42 -8.73 3.56
N GLN B 39 -7.44 -8.56 2.67
CA GLN B 39 -7.56 -7.53 1.66
C GLN B 39 -6.66 -7.85 0.48
N PRO B 40 -7.27 -8.27 -0.64
CA PRO B 40 -6.51 -8.46 -1.87
C PRO B 40 -5.87 -7.12 -2.25
N PRO B 41 -4.66 -7.16 -2.83
CA PRO B 41 -4.00 -5.91 -3.21
C PRO B 41 -4.95 -5.02 -4.00
N GLY B 42 -5.10 -3.78 -3.54
CA GLY B 42 -5.92 -2.80 -4.23
C GLY B 42 -7.43 -2.95 -4.07
N LYS B 43 -7.87 -3.92 -3.28
CA LYS B 43 -9.30 -4.18 -3.13
C LYS B 43 -9.79 -3.91 -1.70
N ALA B 44 -11.05 -4.22 -1.44
CA ALA B 44 -11.70 -3.87 -0.17
C ALA B 44 -11.34 -4.84 0.96
N LEU B 45 -11.50 -4.37 2.19
CA LEU B 45 -11.37 -5.23 3.38
C LEU B 45 -12.48 -6.28 3.35
N GLU B 46 -12.17 -7.50 3.79
CA GLU B 46 -13.20 -8.54 3.94
C GLU B 46 -13.06 -9.26 5.29
N TRP B 47 -14.12 -9.23 6.09
CA TRP B 47 -14.11 -9.91 7.37
C TRP B 47 -14.23 -11.41 7.16
N LEU B 48 -13.41 -12.18 7.85
CA LEU B 48 -13.34 -13.63 7.63
C LEU B 48 -13.96 -14.45 8.76
N GLY B 49 -13.78 -14.00 10.00
CA GLY B 49 -14.29 -14.77 11.13
C GLY B 49 -13.80 -14.19 12.44
N PHE B 50 -14.37 -14.67 13.53
CA PHE B 50 -13.86 -14.33 14.84
C PHE B 50 -13.87 -15.52 15.79
N ILE B 51 -13.21 -15.33 16.94
CA ILE B 51 -13.30 -16.29 18.02
C ILE B 51 -13.64 -15.50 19.27
N ARG B 52 -14.71 -15.91 19.95
CA ARG B 52 -15.23 -15.13 21.06
C ARG B 52 -14.31 -15.17 22.28
N ASN B 53 -14.67 -14.39 23.30
CA ASN B 53 -13.87 -14.28 24.50
C ASN B 53 -14.18 -15.38 25.52
N LYS B 54 -13.61 -15.27 26.71
CA LYS B 54 -13.79 -16.28 27.75
C LYS B 54 -15.25 -16.37 28.18
N ALA B 55 -15.85 -15.21 28.46
CA ALA B 55 -17.24 -15.16 28.89
C ALA B 55 -18.17 -15.90 27.93
N LYS B 56 -17.77 -16.00 26.67
CA LYS B 56 -18.60 -16.61 25.65
C LYS B 56 -18.09 -17.98 25.19
N GLY B 57 -17.12 -18.53 25.91
CA GLY B 57 -16.68 -19.89 25.67
C GLY B 57 -15.75 -20.06 24.48
N TYR B 58 -15.14 -18.97 24.02
CA TYR B 58 -14.15 -19.04 22.95
C TYR B 58 -14.71 -19.72 21.69
N THR B 59 -15.97 -19.50 21.39
CA THR B 59 -16.57 -20.11 20.19
C THR B 59 -16.23 -19.30 18.94
N THR B 60 -16.28 -19.94 17.78
CA THR B 60 -15.89 -19.31 16.52
C THR B 60 -17.07 -19.11 15.58
N GLU B 61 -16.96 -18.12 14.70
CA GLU B 61 -17.90 -17.91 13.62
C GLU B 61 -17.12 -17.48 12.37
N TYR B 62 -17.68 -17.76 11.19
CA TYR B 62 -16.98 -17.48 9.94
C TYR B 62 -17.90 -16.82 8.91
N SER B 63 -17.31 -16.07 7.98
CA SER B 63 -18.06 -15.56 6.84
C SER B 63 -18.38 -16.74 5.94
N ALA B 64 -19.44 -16.61 5.16
CA ALA B 64 -19.82 -17.67 4.23
C ALA B 64 -18.69 -17.97 3.24
N SER B 65 -17.89 -16.96 2.91
CA SER B 65 -16.83 -17.13 1.92
C SER B 65 -15.75 -18.13 2.36
N VAL B 66 -15.54 -18.28 3.67
CA VAL B 66 -14.48 -19.14 4.16
C VAL B 66 -14.92 -20.24 5.14
N LYS B 67 -16.16 -20.21 5.58
CA LYS B 67 -16.65 -21.23 6.50
C LYS B 67 -16.46 -22.63 5.91
N GLY B 68 -15.85 -23.52 6.69
CA GLY B 68 -15.60 -24.88 6.24
C GLY B 68 -14.20 -25.06 5.66
N ARG B 69 -13.51 -23.95 5.41
CA ARG B 69 -12.20 -24.01 4.77
C ARG B 69 -11.10 -23.37 5.64
N PHE B 70 -11.45 -22.30 6.33
CA PHE B 70 -10.54 -21.64 7.28
C PHE B 70 -10.92 -21.95 8.73
N THR B 71 -9.92 -22.12 9.59
CA THR B 71 -10.16 -22.40 11.00
C THR B 71 -9.43 -21.41 11.90
N ILE B 72 -10.16 -20.79 12.81
CA ILE B 72 -9.58 -19.88 13.78
C ILE B 72 -9.42 -20.57 15.14
N SER B 73 -8.29 -20.34 15.80
CA SER B 73 -8.08 -20.83 17.15
C SER B 73 -7.29 -19.80 17.93
N ARG B 74 -7.21 -20.00 19.25
CA ARG B 74 -6.43 -19.10 20.08
C ARG B 74 -5.69 -19.87 21.18
N ASP B 75 -4.56 -19.32 21.60
CA ASP B 75 -3.79 -19.87 22.71
C ASP B 75 -3.78 -18.82 23.80
N ASN B 76 -4.62 -19.02 24.82
CA ASN B 76 -4.79 -18.02 25.86
C ASN B 76 -3.63 -17.99 26.85
N SER B 77 -2.84 -19.06 26.86
CA SER B 77 -1.65 -19.10 27.70
C SER B 77 -0.59 -18.14 27.17
N GLN B 78 -0.63 -17.86 25.87
CA GLN B 78 0.38 -17.00 25.25
C GLN B 78 -0.22 -15.76 24.58
N SER B 79 -1.53 -15.58 24.70
CA SER B 79 -2.19 -14.42 24.12
C SER B 79 -1.99 -14.32 22.62
N SER B 80 -2.10 -15.45 21.93
CA SER B 80 -1.91 -15.45 20.47
C SER B 80 -3.11 -16.06 19.75
N LEU B 81 -3.22 -15.73 18.47
CA LEU B 81 -4.38 -16.07 17.66
C LEU B 81 -3.90 -16.70 16.37
N TYR B 82 -4.64 -17.69 15.87
CA TYR B 82 -4.23 -18.38 14.66
C TYR B 82 -5.33 -18.43 13.59
N LEU B 83 -4.91 -18.47 12.34
CA LEU B 83 -5.83 -18.71 11.23
C LEU B 83 -5.27 -19.83 10.37
N GLN B 84 -5.91 -20.99 10.39
CA GLN B 84 -5.53 -22.11 9.53
C GLN B 84 -6.29 -22.02 8.21
N MET B 85 -5.56 -21.94 7.10
CA MET B 85 -6.17 -21.83 5.78
C MET B 85 -5.91 -23.06 4.94
N ASN B 86 -6.96 -23.64 4.38
CA ASN B 86 -6.81 -24.84 3.56
C ASN B 86 -7.25 -24.64 2.12
N THR B 87 -6.78 -25.51 1.24
CA THR B 87 -7.19 -25.55 -0.16
C THR B 87 -7.15 -24.16 -0.77
N LEU B 88 -6.01 -23.50 -0.62
CA LEU B 88 -5.85 -22.14 -1.07
C LEU B 88 -5.99 -21.98 -2.58
N ARG B 89 -6.55 -20.86 -2.99
CA ARG B 89 -6.64 -20.50 -4.39
C ARG B 89 -6.29 -19.03 -4.58
N ALA B 90 -6.23 -18.61 -5.84
CA ALA B 90 -5.78 -17.27 -6.19
C ALA B 90 -6.53 -16.17 -5.43
N GLU B 91 -7.84 -16.34 -5.26
CA GLU B 91 -8.63 -15.32 -4.58
C GLU B 91 -8.22 -15.15 -3.13
N ASP B 92 -7.44 -16.11 -2.61
CA ASP B 92 -7.01 -16.03 -1.23
C ASP B 92 -5.73 -15.19 -1.11
N SER B 93 -5.17 -14.79 -2.24
CA SER B 93 -3.99 -13.93 -2.20
C SER B 93 -4.40 -12.58 -1.63
N ALA B 94 -3.81 -12.19 -0.50
CA ALA B 94 -4.25 -11.00 0.21
C ALA B 94 -3.38 -10.67 1.40
N THR B 95 -3.51 -9.45 1.90
CA THR B 95 -2.92 -9.12 3.18
C THR B 95 -3.89 -9.56 4.25
N TYR B 96 -3.42 -10.30 5.25
CA TYR B 96 -4.26 -10.76 6.35
C TYR B 96 -3.97 -10.01 7.62
N TYR B 97 -5.00 -9.44 8.22
CA TYR B 97 -4.89 -8.67 9.45
C TYR B 97 -5.62 -9.41 10.57
N CYS B 98 -5.05 -9.39 11.77
CA CYS B 98 -5.84 -9.71 12.94
C CYS B 98 -6.23 -8.38 13.59
N ALA B 99 -7.38 -8.38 14.26
CA ALA B 99 -7.91 -7.17 14.86
C ALA B 99 -8.62 -7.52 16.15
N ARG B 100 -8.40 -6.70 17.17
CA ARG B 100 -9.07 -6.86 18.45
C ARG B 100 -10.55 -6.49 18.31
N ASP B 101 -11.42 -7.45 18.60
CA ASP B 101 -12.86 -7.32 18.39
C ASP B 101 -13.59 -7.05 19.73
N HIS B 102 -14.87 -7.38 19.75
CA HIS B 102 -15.80 -7.13 20.86
C HIS B 102 -15.29 -7.61 22.23
N ASP B 103 -15.56 -6.82 23.27
CA ASP B 103 -15.17 -7.20 24.64
C ASP B 103 -16.38 -7.36 25.54
N GLY B 104 -17.57 -7.44 24.94
CA GLY B 104 -18.81 -7.57 25.69
C GLY B 104 -19.53 -6.24 25.86
N TYR B 105 -18.81 -5.15 25.66
CA TYR B 105 -19.40 -3.81 25.68
C TYR B 105 -19.25 -3.10 24.34
N TYR B 106 -18.03 -2.75 23.98
CA TYR B 106 -17.77 -1.93 22.80
C TYR B 106 -17.97 -2.68 21.49
N GLU B 107 -18.55 -2.00 20.50
CA GLU B 107 -18.64 -2.54 19.14
C GLU B 107 -17.65 -1.79 18.27
N ARG B 108 -16.44 -2.31 18.16
CA ARG B 108 -15.37 -1.65 17.42
C ARG B 108 -14.16 -2.57 17.27
N PHE B 109 -13.45 -2.44 16.16
CA PHE B 109 -12.11 -3.04 16.03
C PHE B 109 -11.11 -1.95 16.41
N ALA B 110 -10.77 -1.87 17.69
CA ALA B 110 -9.95 -0.76 18.19
C ALA B 110 -8.49 -0.86 17.75
N TYR B 111 -8.01 -2.08 17.52
CA TYR B 111 -6.61 -2.30 17.17
C TYR B 111 -6.43 -3.33 16.08
N TRP B 112 -5.49 -3.07 15.17
CA TRP B 112 -5.18 -3.95 14.04
C TRP B 112 -3.67 -4.22 14.00
N GLY B 113 -3.27 -5.36 13.46
CA GLY B 113 -1.87 -5.64 13.22
C GLY B 113 -1.41 -4.93 11.96
N GLN B 114 -0.14 -5.07 11.63
CA GLN B 114 0.41 -4.49 10.41
C GLN B 114 0.04 -5.33 9.20
N GLY B 115 -0.41 -6.55 9.46
CA GLY B 115 -0.83 -7.47 8.41
C GLY B 115 0.30 -8.30 7.81
N THR B 116 -0.03 -9.45 7.23
CA THR B 116 0.98 -10.30 6.59
C THR B 116 0.47 -10.73 5.21
N LEU B 117 1.33 -10.65 4.19
CA LEU B 117 0.88 -10.88 2.82
C LEU B 117 1.01 -12.33 2.39
N VAL B 118 -0.10 -12.90 1.94
CA VAL B 118 -0.14 -14.27 1.44
C VAL B 118 -0.30 -14.27 -0.09
N THR B 119 0.56 -15.01 -0.77
CA THR B 119 0.50 -15.11 -2.22
C THR B 119 0.29 -16.55 -2.61
N VAL B 120 -0.80 -16.82 -3.32
CA VAL B 120 -1.07 -18.19 -3.79
C VAL B 120 -0.70 -18.30 -5.25
N SER B 121 0.38 -19.02 -5.52
CA SER B 121 0.93 -19.09 -6.87
C SER B 121 1.88 -20.26 -7.02
N ALA B 122 2.00 -20.75 -8.26
CA ALA B 122 2.88 -21.87 -8.56
C ALA B 122 4.28 -21.36 -8.95
N ALA B 123 4.37 -20.08 -9.22
CA ALA B 123 5.66 -19.47 -9.57
C ALA B 123 6.66 -19.61 -8.43
N ALA B 124 7.94 -19.63 -8.76
CA ALA B 124 8.99 -19.90 -7.76
C ALA B 124 9.52 -18.63 -7.09
N THR B 125 9.94 -18.75 -5.84
CA THR B 125 10.60 -17.66 -5.14
C THR B 125 11.87 -17.25 -5.88
N THR B 126 12.02 -15.96 -6.14
CA THR B 126 13.20 -15.42 -6.80
C THR B 126 13.66 -14.18 -6.05
N PRO B 127 14.93 -14.15 -5.65
CA PRO B 127 15.38 -12.96 -4.93
C PRO B 127 15.57 -11.81 -5.90
N PRO B 128 15.52 -10.56 -5.41
CA PRO B 128 15.67 -9.41 -6.29
C PRO B 128 17.12 -9.16 -6.69
N SER B 129 17.32 -8.52 -7.83
CA SER B 129 18.59 -7.88 -8.10
C SER B 129 18.38 -6.43 -7.67
N VAL B 130 19.39 -5.84 -7.05
CA VAL B 130 19.27 -4.45 -6.58
C VAL B 130 20.34 -3.60 -7.22
N TYR B 131 19.93 -2.57 -7.96
CA TYR B 131 20.89 -1.72 -8.65
C TYR B 131 20.80 -0.26 -8.21
N PRO B 132 21.97 0.37 -8.02
CA PRO B 132 22.03 1.77 -7.60
C PRO B 132 21.64 2.68 -8.74
N LEU B 133 20.91 3.75 -8.45
CA LEU B 133 20.58 4.75 -9.45
C LEU B 133 21.28 6.07 -9.10
N ALA B 134 22.41 6.31 -9.76
CA ALA B 134 23.18 7.54 -9.56
C ALA B 134 23.11 8.42 -10.81
N PRO B 135 23.09 9.74 -10.61
CA PRO B 135 22.91 10.72 -11.69
C PRO B 135 24.02 10.69 -12.74
N GLY B 136 23.79 11.37 -13.85
CA GLY B 136 24.83 11.69 -14.83
C GLY B 136 25.76 10.53 -15.15
N ASN B 142 20.48 22.26 -9.76
CA ASN B 142 21.41 21.38 -9.06
C ASN B 142 21.47 21.71 -7.57
N SER B 143 20.34 22.13 -7.01
CA SER B 143 20.24 22.44 -5.59
C SER B 143 19.88 21.17 -4.80
N MET B 144 18.78 20.54 -5.18
CA MET B 144 18.41 19.24 -4.64
C MET B 144 18.92 18.16 -5.60
N VAL B 145 19.28 17.00 -5.06
CA VAL B 145 19.70 15.88 -5.90
C VAL B 145 18.85 14.63 -5.61
N THR B 146 18.43 13.95 -6.67
CA THR B 146 17.60 12.75 -6.52
C THR B 146 18.39 11.49 -6.84
N LEU B 147 18.29 10.51 -5.95
CA LEU B 147 18.99 9.25 -6.12
C LEU B 147 17.94 8.13 -6.11
N GLY B 148 18.34 6.93 -6.48
CA GLY B 148 17.39 5.83 -6.47
C GLY B 148 17.99 4.45 -6.34
N CYS B 149 17.11 3.48 -6.11
CA CYS B 149 17.46 2.06 -6.19
C CYS B 149 16.41 1.34 -7.00
N LEU B 150 16.87 0.47 -7.90
CA LEU B 150 16.00 -0.35 -8.75
C LEU B 150 16.00 -1.77 -8.19
N VAL B 151 14.83 -2.27 -7.81
CA VAL B 151 14.73 -3.60 -7.24
C VAL B 151 14.00 -4.48 -8.25
N LYS B 152 14.76 -5.33 -8.93
CA LYS B 152 14.26 -5.94 -10.15
C LYS B 152 14.25 -7.47 -10.12
N GLY B 153 13.18 -8.05 -10.65
CA GLY B 153 13.13 -9.47 -10.92
C GLY B 153 12.89 -10.40 -9.75
N TYR B 154 12.02 -10.00 -8.83
CA TYR B 154 11.77 -10.83 -7.64
C TYR B 154 10.35 -11.39 -7.58
N PHE B 155 10.16 -12.36 -6.68
CA PHE B 155 8.86 -12.97 -6.45
C PHE B 155 8.93 -13.83 -5.20
N PRO B 156 7.89 -13.79 -4.35
CA PRO B 156 6.67 -12.96 -4.46
C PRO B 156 6.92 -11.59 -3.82
N GLU B 157 5.88 -10.77 -3.75
CA GLU B 157 5.88 -9.60 -2.86
C GLU B 157 5.87 -10.13 -1.43
N PRO B 158 6.27 -9.29 -0.46
CA PRO B 158 6.69 -7.90 -0.66
C PRO B 158 8.19 -7.75 -0.58
N VAL B 159 8.68 -6.54 -0.82
CA VAL B 159 10.03 -6.17 -0.46
C VAL B 159 9.90 -4.87 0.29
N THR B 160 10.91 -4.53 1.08
CA THR B 160 10.90 -3.24 1.75
C THR B 160 12.16 -2.48 1.37
N VAL B 161 12.01 -1.16 1.20
CA VAL B 161 13.14 -0.32 0.89
C VAL B 161 13.20 0.80 1.91
N THR B 162 14.33 0.91 2.62
CA THR B 162 14.60 2.06 3.46
C THR B 162 15.85 2.75 2.94
N TRP B 163 16.07 3.97 3.39
CA TRP B 163 17.27 4.73 3.03
C TRP B 163 18.05 5.12 4.28
N ASN B 164 19.36 4.89 4.25
CA ASN B 164 20.18 5.08 5.43
C ASN B 164 19.53 4.46 6.67
N SER B 165 19.17 3.19 6.56
CA SER B 165 18.56 2.45 7.67
C SER B 165 17.32 3.13 8.22
N GLY B 166 16.63 3.89 7.38
CA GLY B 166 15.41 4.55 7.78
C GLY B 166 15.59 5.95 8.35
N SER B 167 16.83 6.41 8.45
CA SER B 167 17.10 7.75 8.96
C SER B 167 16.81 8.83 7.91
N LEU B 168 16.79 8.42 6.64
CA LEU B 168 16.25 9.27 5.57
C LEU B 168 14.79 8.91 5.31
N SER B 169 13.88 9.79 5.75
CA SER B 169 12.45 9.49 5.69
C SER B 169 11.71 10.34 4.67
N THR B 170 11.86 11.66 4.78
CA THR B 170 11.14 12.56 3.90
C THR B 170 11.85 12.66 2.56
N GLY B 171 11.10 12.99 1.51
CA GLY B 171 11.69 13.10 0.18
C GLY B 171 11.91 11.74 -0.46
N VAL B 172 11.28 10.71 0.11
CA VAL B 172 11.37 9.37 -0.44
C VAL B 172 10.08 9.01 -1.17
N HIS B 173 10.22 8.39 -2.34
CA HIS B 173 9.10 7.80 -3.05
C HIS B 173 9.43 6.37 -3.41
N THR B 174 8.65 5.42 -2.90
CA THR B 174 8.81 4.03 -3.31
C THR B 174 7.62 3.66 -4.18
N PHE B 175 7.90 3.24 -5.40
CA PHE B 175 6.88 2.98 -6.39
C PHE B 175 6.34 1.56 -6.30
N PRO B 176 5.01 1.42 -6.35
CA PRO B 176 4.35 0.12 -6.30
C PRO B 176 4.95 -0.85 -7.31
N ALA B 177 5.20 -2.09 -6.90
CA ALA B 177 5.76 -3.08 -7.80
C ALA B 177 4.82 -3.36 -8.97
N VAL B 178 5.40 -3.69 -10.11
CA VAL B 178 4.66 -4.06 -11.29
C VAL B 178 5.07 -5.47 -11.70
N LEU B 179 4.09 -6.32 -11.93
CA LEU B 179 4.33 -7.70 -12.33
C LEU B 179 4.44 -7.85 -13.84
N SER B 180 5.53 -8.46 -14.30
CA SER B 180 5.68 -8.76 -15.71
C SER B 180 6.42 -10.09 -15.86
N SER B 181 5.77 -11.05 -16.51
CA SER B 181 6.34 -12.36 -16.73
C SER B 181 6.71 -13.03 -15.41
N ASP B 182 5.76 -13.06 -14.48
CA ASP B 182 5.93 -13.78 -13.23
C ASP B 182 7.04 -13.22 -12.34
N LEU B 183 7.46 -11.99 -12.60
CA LEU B 183 8.45 -11.34 -11.76
C LEU B 183 8.12 -9.87 -11.51
N TYR B 184 8.34 -9.42 -10.28
CA TYR B 184 8.08 -8.04 -9.90
C TYR B 184 9.32 -7.14 -10.05
N THR B 185 9.06 -5.87 -10.32
CA THR B 185 10.09 -4.84 -10.31
C THR B 185 9.54 -3.59 -9.64
N LEU B 186 10.31 -3.01 -8.72
CA LEU B 186 9.97 -1.68 -8.20
C LEU B 186 11.22 -0.83 -8.09
N THR B 187 11.01 0.46 -7.86
CA THR B 187 12.09 1.38 -7.62
C THR B 187 11.73 2.32 -6.49
N SER B 188 12.75 2.93 -5.91
CA SER B 188 12.54 3.91 -4.88
C SER B 188 13.44 5.09 -5.19
N SER B 189 12.91 6.30 -5.05
CA SER B 189 13.74 7.50 -5.19
C SER B 189 13.83 8.23 -3.86
N VAL B 190 14.93 8.94 -3.65
CA VAL B 190 15.12 9.77 -2.48
C VAL B 190 15.77 11.07 -2.97
N THR B 191 15.29 12.19 -2.43
CA THR B 191 15.78 13.49 -2.84
C THR B 191 16.38 14.27 -1.67
N VAL B 192 17.70 14.47 -1.72
CA VAL B 192 18.43 15.12 -0.65
C VAL B 192 19.16 16.36 -1.18
N PRO B 193 19.58 17.26 -0.28
CA PRO B 193 20.36 18.44 -0.66
C PRO B 193 21.68 18.07 -1.34
N SER B 194 22.06 18.80 -2.37
CA SER B 194 23.28 18.52 -3.13
C SER B 194 24.53 18.58 -2.27
N LYS B 195 24.42 19.26 -1.13
CA LYS B 195 25.55 19.41 -0.23
C LYS B 195 25.81 18.14 0.58
N THR B 196 24.76 17.37 0.82
CA THR B 196 24.87 16.19 1.66
C THR B 196 25.39 14.97 0.90
N TRP B 197 25.30 15.02 -0.42
CA TRP B 197 25.76 13.91 -1.25
C TRP B 197 26.51 14.48 -2.45
N PRO B 198 27.65 13.86 -2.82
CA PRO B 198 28.21 12.63 -2.24
C PRO B 198 29.05 12.82 -0.97
N SER B 199 29.13 14.02 -0.41
CA SER B 199 29.96 14.24 0.77
C SER B 199 29.57 13.30 1.91
N GLU B 200 28.27 13.15 2.12
CA GLU B 200 27.75 12.15 3.05
C GLU B 200 27.21 10.95 2.27
N THR B 201 27.18 9.79 2.90
CA THR B 201 26.80 8.57 2.20
C THR B 201 25.28 8.38 2.17
N VAL B 202 24.80 7.88 1.03
CA VAL B 202 23.40 7.51 0.91
C VAL B 202 23.32 6.06 0.47
N THR B 203 22.60 5.26 1.24
CA THR B 203 22.54 3.83 1.02
C THR B 203 21.10 3.36 1.08
N CYS B 204 20.69 2.55 0.11
CA CYS B 204 19.36 1.96 0.18
C CYS B 204 19.48 0.56 0.75
N ASN B 205 18.55 0.23 1.65
CA ASN B 205 18.53 -1.08 2.29
C ASN B 205 17.28 -1.83 1.83
N VAL B 206 17.51 -2.96 1.17
CA VAL B 206 16.40 -3.71 0.61
C VAL B 206 16.29 -5.06 1.29
N ALA B 207 15.06 -5.44 1.63
CA ALA B 207 14.81 -6.75 2.20
C ALA B 207 13.73 -7.47 1.40
N HIS B 208 13.94 -8.75 1.15
CA HIS B 208 12.95 -9.58 0.50
C HIS B 208 12.70 -10.81 1.37
N PRO B 209 11.72 -10.71 2.27
CA PRO B 209 11.42 -11.75 3.26
C PRO B 209 11.34 -13.16 2.67
N ALA B 210 10.68 -13.34 1.53
CA ALA B 210 10.49 -14.70 1.01
C ALA B 210 11.80 -15.44 0.75
N SER B 211 12.84 -14.71 0.36
CA SER B 211 14.14 -15.33 0.10
C SER B 211 15.17 -14.97 1.17
N SER B 212 14.70 -14.35 2.26
CA SER B 212 15.58 -13.92 3.34
C SER B 212 16.69 -13.00 2.84
N THR B 213 16.42 -12.28 1.76
CA THR B 213 17.43 -11.42 1.17
C THR B 213 17.56 -10.12 1.94
N LYS B 214 18.80 -9.76 2.26
CA LYS B 214 19.10 -8.45 2.82
C LYS B 214 20.19 -7.81 1.97
N VAL B 215 19.91 -6.62 1.47
CA VAL B 215 20.83 -5.93 0.56
C VAL B 215 21.01 -4.48 0.97
N ASP B 216 22.27 -4.05 1.00
CA ASP B 216 22.63 -2.64 1.13
C ASP B 216 23.35 -2.25 -0.16
N LYS B 217 22.85 -1.22 -0.83
CA LYS B 217 23.54 -0.73 -2.02
C LYS B 217 23.86 0.75 -1.83
N LYS B 218 25.14 1.05 -1.71
CA LYS B 218 25.59 2.42 -1.56
C LYS B 218 25.56 3.14 -2.90
N ILE B 219 24.96 4.31 -2.94
CA ILE B 219 24.90 5.10 -4.16
C ILE B 219 26.22 5.87 -4.31
N VAL B 220 27.07 5.44 -5.23
CA VAL B 220 28.34 6.10 -5.47
C VAL B 220 28.32 6.87 -6.79
N PRO B 221 28.88 8.09 -6.79
CA PRO B 221 28.98 8.88 -8.03
C PRO B 221 29.65 8.04 -9.12
N ARG B 222 29.14 8.13 -10.34
CA ARG B 222 29.66 7.32 -11.44
C ARG B 222 31.12 7.65 -11.72
C1 KDA C . -25.22 -10.73 24.97
O1B KDA C . -25.65 -9.58 25.15
O1A KDA C . -24.74 -11.49 25.84
C2 KDA C . -25.24 -11.26 23.54
C3 KDA C . -23.95 -10.77 22.85
C4 KDA C . -23.90 -11.30 21.42
O4 KDA C . -22.69 -10.82 20.79
C5 KDA C . -24.03 -12.83 21.51
O5 KDA C . -22.92 -13.38 22.22
C6 KDA C . -25.35 -13.23 22.21
O6 KDA C . -25.34 -12.67 23.54
C7 KDA C . -25.55 -14.74 22.42
O7 KDA C . -24.47 -15.27 23.20
C8 KDA C . -25.62 -15.49 21.09
O8 KDA C . -26.74 -14.98 20.37
O2 KDA C . -26.36 -10.78 22.81
C9 KDA C . -27.58 -11.20 23.23
C10 KDA C . -28.69 -10.74 22.52
C11 KDA C . -29.99 -11.11 22.88
C1 KDO C . -22.24 -12.59 19.10
O1A KDO C . -22.81 -13.13 18.12
O1B KDO C . -21.40 -13.13 19.85
C2 KDO C . -22.55 -11.11 19.38
C3 KDO C . -21.35 -10.33 18.85
C4 KDO C . -21.64 -8.84 19.07
O4 KDO C . -20.56 -8.07 18.54
C5 KDO C . -22.91 -8.48 18.33
O5 KDO C . -22.74 -8.73 16.93
C6 KDO C . -24.08 -9.33 18.85
O6 KDO C . -23.77 -10.74 18.70
C7 KDO C . -25.38 -8.98 18.11
O7 KDO C . -25.65 -7.58 18.26
C8 KDO C . -26.59 -9.77 18.66
O8 KDO C . -26.78 -9.47 20.05
ZN ZN D . 8.07 14.22 -2.58
ZN ZN E . -22.32 -20.07 16.73
#